data_1V8K
#
_entry.id   1V8K
#
_cell.length_a   61.068
_cell.length_b   191.475
_cell.length_c   74.627
_cell.angle_alpha   90.00
_cell.angle_beta   90.00
_cell.angle_gamma   90.00
#
_symmetry.space_group_name_H-M   'C 2 2 2'
#
loop_
_entity.id
_entity.type
_entity.pdbx_description
1 polymer 'Kinesin-like protein KIF2C'
2 non-polymer 'MAGNESIUM ION'
3 non-polymer 'PHOSPHOAMINOPHOSPHONIC ACID-ADENYLATE ESTER'
4 water water
#
_entity_poly.entity_id   1
_entity_poly.type   'polypeptide(L)'
_entity_poly.pdbx_seq_one_letter_code
;SVRRKSCIVKEMEKMKNKREEKRAQNSELRIKRAQEYDSSFPNWEFARMIKEFRVTMECSPLTVTDPIEEHRICVCVRKR
PLNKQELAKKEIDVISVPSKCLLLVHEPKLKVDLTKYLENQAFCFDFAFDETASNEVVYRFTARPLVQTIFEGGKATCFA
YGQTGSGKTHTMGGDLSGKSQNASKGIYAMASRDVFLLKNQPRYRNLNLEVYVTFFEIYNGKVFDLLNKKAKLRVLEDSR
QQVQVVGLQEYLVTCADDVIKMINMGSACRTSGQTFANSNSSRSHACFQILLRTKGRLHGKFSLVDLAGNERGADTSSAD
RQTRMEGAEINKSLLALKECIRALGQNKAHTPFRESKLTQVLRDSFIGENSRTCMIAMISPGISSCEYTLNTLRYADRVK
ELSHHHHHHH
;
_entity_poly.pdbx_strand_id   A
#
# COMPACT_ATOMS: atom_id res chain seq x y z
N PRO A 42 32.19 14.56 9.77
CA PRO A 42 32.83 13.34 10.33
C PRO A 42 31.97 12.12 10.02
N ASN A 43 30.92 11.93 10.81
CA ASN A 43 29.98 10.82 10.63
C ASN A 43 28.59 11.42 10.46
N TRP A 44 28.50 12.48 9.69
CA TRP A 44 27.23 13.15 9.47
C TRP A 44 26.15 12.24 8.91
N GLU A 45 26.53 11.31 8.05
CA GLU A 45 25.55 10.39 7.45
C GLU A 45 24.86 9.58 8.53
N PHE A 46 25.64 9.01 9.44
CA PHE A 46 25.08 8.24 10.52
C PHE A 46 24.23 9.15 11.41
N ALA A 47 24.71 10.38 11.64
CA ALA A 47 23.99 11.35 12.47
C ALA A 47 22.62 11.64 11.87
N ARG A 48 22.57 11.70 10.54
CA ARG A 48 21.31 11.97 9.85
C ARG A 48 20.32 10.83 10.01
N MET A 49 20.81 9.60 9.85
CA MET A 49 19.96 8.42 9.97
C MET A 49 19.40 8.32 11.38
N ILE A 50 20.22 8.66 12.36
CA ILE A 50 19.81 8.60 13.77
C ILE A 50 18.77 9.68 14.10
N LYS A 51 18.98 10.87 13.56
CA LYS A 51 18.07 11.98 13.78
C LYS A 51 16.72 11.66 13.14
N GLU A 52 16.73 11.08 11.95
CA GLU A 52 15.50 10.71 11.28
C GLU A 52 14.72 9.70 12.11
N PHE A 53 15.45 8.76 12.72
CA PHE A 53 14.83 7.71 13.53
C PHE A 53 14.20 8.35 14.78
N ARG A 54 14.93 9.28 15.37
CA ARG A 54 14.45 9.97 16.57
C ARG A 54 13.23 10.84 16.27
N VAL A 55 13.29 11.58 15.16
CA VAL A 55 12.19 12.44 14.74
C VAL A 55 10.92 11.62 14.54
N THR A 56 11.04 10.50 13.84
CA THR A 56 9.91 9.64 13.58
C THR A 56 9.40 9.07 14.90
N MET A 57 10.31 8.78 15.80
CA MET A 57 9.99 8.19 17.11
C MET A 57 9.22 9.17 18.02
N GLU A 58 9.35 10.47 17.78
CA GLU A 58 8.70 11.47 18.61
C GLU A 58 7.63 12.27 17.89
N CYS A 59 7.04 11.69 16.85
CA CYS A 59 6.00 12.37 16.10
C CYS A 59 4.60 12.04 16.59
N SER A 60 3.69 12.98 16.40
CA SER A 60 2.30 12.81 16.81
C SER A 60 1.47 12.41 15.59
N PRO A 61 0.41 11.62 15.80
CA PRO A 61 -0.44 11.19 14.68
C PRO A 61 -0.85 12.37 13.80
N LEU A 62 -0.88 13.56 14.39
CA LEU A 62 -1.25 14.77 13.66
C LEU A 62 -0.13 15.24 12.75
N THR A 63 0.79 14.35 12.41
CA THR A 63 1.92 14.68 11.54
C THR A 63 1.57 14.43 10.08
N VAL A 64 1.19 13.20 9.77
CA VAL A 64 0.83 12.85 8.40
C VAL A 64 -0.58 13.34 8.11
N THR A 65 -1.39 13.41 9.16
CA THR A 65 -2.77 13.88 9.04
C THR A 65 -2.81 15.37 9.36
N ASP A 66 -1.74 16.07 9.01
CA ASP A 66 -1.67 17.50 9.28
C ASP A 66 -1.88 18.36 8.03
N PRO A 67 -3.15 18.69 7.73
CA PRO A 67 -3.45 19.51 6.55
C PRO A 67 -2.61 20.78 6.64
N ILE A 68 -2.55 21.53 5.53
CA ILE A 68 -1.74 22.75 5.48
C ILE A 68 -0.27 22.39 5.66
N GLU A 69 0.01 21.09 5.49
CA GLU A 69 1.37 20.58 5.60
C GLU A 69 1.57 19.43 4.61
N GLU A 70 2.71 19.45 3.93
CA GLU A 70 3.02 18.44 2.93
C GLU A 70 3.76 17.22 3.45
N HIS A 71 3.20 16.06 3.15
CA HIS A 71 3.78 14.78 3.53
C HIS A 71 3.38 13.82 2.42
N ARG A 72 4.12 13.90 1.32
CA ARG A 72 3.86 13.07 0.15
C ARG A 72 4.10 11.58 0.34
N ILE A 73 4.84 11.21 1.37
CA ILE A 73 5.09 9.81 1.60
C ILE A 73 4.95 9.42 3.05
N CYS A 74 4.12 8.42 3.29
CA CYS A 74 3.88 7.92 4.62
C CYS A 74 4.16 6.42 4.61
N VAL A 75 4.89 5.94 5.59
CA VAL A 75 5.20 4.52 5.65
C VAL A 75 4.79 3.91 6.96
N CYS A 76 4.00 2.85 6.89
CA CYS A 76 3.54 2.19 8.11
C CYS A 76 3.81 0.68 8.10
N VAL A 77 3.72 0.07 9.26
CA VAL A 77 3.90 -1.36 9.32
C VAL A 77 2.74 -1.92 10.12
N ARG A 78 2.27 -3.10 9.72
CA ARG A 78 1.19 -3.76 10.43
C ARG A 78 1.49 -5.22 10.71
N LYS A 79 1.53 -5.59 11.99
CA LYS A 79 1.73 -6.96 12.40
C LYS A 79 0.37 -7.66 12.50
N ARG A 80 0.25 -8.85 11.90
CA ARG A 80 -0.98 -9.62 11.97
C ARG A 80 -0.76 -10.62 13.09
N PRO A 81 -1.84 -11.09 13.72
CA PRO A 81 -1.60 -12.05 14.80
C PRO A 81 -1.26 -13.43 14.24
N LEU A 82 -0.77 -14.30 15.11
CA LEU A 82 -0.45 -15.66 14.70
C LEU A 82 -1.78 -16.32 14.37
N ASN A 83 -1.85 -17.10 13.30
CA ASN A 83 -3.11 -17.76 12.97
C ASN A 83 -3.20 -19.14 13.62
N LYS A 84 -4.29 -19.84 13.35
CA LYS A 84 -4.51 -21.17 13.94
C LYS A 84 -3.37 -22.14 13.64
N GLN A 85 -3.05 -22.27 12.36
CA GLN A 85 -2.00 -23.16 11.90
C GLN A 85 -0.69 -22.90 12.62
N GLU A 86 -0.29 -21.63 12.67
CA GLU A 86 0.97 -21.26 13.32
C GLU A 86 0.94 -21.55 14.82
N LEU A 87 -0.16 -21.23 15.49
CA LEU A 87 -0.26 -21.51 16.92
C LEU A 87 -0.19 -23.01 17.15
N ALA A 88 -0.89 -23.78 16.31
CA ALA A 88 -0.90 -25.24 16.41
C ALA A 88 0.51 -25.80 16.25
N LYS A 89 1.24 -25.29 15.26
CA LYS A 89 2.62 -25.73 15.04
C LYS A 89 3.52 -25.14 16.12
N LYS A 90 2.91 -24.45 17.08
CA LYS A 90 3.66 -23.82 18.16
C LYS A 90 4.69 -22.81 17.66
N GLU A 91 4.31 -22.00 16.67
CA GLU A 91 5.21 -20.97 16.15
C GLU A 91 5.36 -19.90 17.21
N ILE A 92 6.58 -19.41 17.41
CA ILE A 92 6.82 -18.37 18.39
C ILE A 92 6.59 -17.05 17.71
N ASP A 93 5.96 -16.12 18.44
CA ASP A 93 5.67 -14.77 17.96
C ASP A 93 6.94 -13.97 18.29
N VAL A 94 7.63 -13.47 17.27
CA VAL A 94 8.87 -12.73 17.51
C VAL A 94 8.75 -11.24 17.21
N ILE A 95 7.52 -10.73 17.21
CA ILE A 95 7.30 -9.32 16.92
C ILE A 95 6.62 -8.59 18.10
N SER A 96 7.11 -7.39 18.42
CA SER A 96 6.53 -6.57 19.48
C SER A 96 6.39 -5.17 18.92
N VAL A 97 5.34 -4.47 19.31
CA VAL A 97 5.14 -3.09 18.87
C VAL A 97 4.73 -2.37 20.15
N PRO A 98 5.75 -1.98 20.95
CA PRO A 98 5.66 -1.28 22.24
C PRO A 98 5.11 0.14 22.23
N SER A 99 5.04 0.75 21.05
CA SER A 99 4.53 2.09 20.92
C SER A 99 3.90 2.24 19.54
N LYS A 100 3.28 3.37 19.27
CA LYS A 100 2.60 3.57 18.01
C LYS A 100 3.51 3.83 16.80
N CYS A 101 4.81 3.88 17.03
CA CYS A 101 5.78 4.14 15.95
C CYS A 101 6.98 3.18 16.00
N LEU A 102 7.03 2.33 17.02
CA LEU A 102 8.14 1.40 17.18
C LEU A 102 7.76 -0.06 17.00
N LEU A 103 8.51 -0.77 16.16
CA LEU A 103 8.28 -2.21 15.97
C LEU A 103 9.58 -2.90 16.32
N LEU A 104 9.49 -3.94 17.15
CA LEU A 104 10.64 -4.71 17.60
C LEU A 104 10.64 -6.13 17.02
N VAL A 105 11.79 -6.54 16.49
CA VAL A 105 11.93 -7.92 15.97
C VAL A 105 12.89 -8.63 16.92
N HIS A 106 12.39 -9.66 17.59
CA HIS A 106 13.19 -10.43 18.52
C HIS A 106 13.83 -11.58 17.71
N GLU A 107 14.88 -11.25 16.94
CA GLU A 107 15.54 -12.23 16.09
C GLU A 107 16.33 -13.28 16.82
N PRO A 108 15.94 -14.55 16.65
CA PRO A 108 16.58 -15.71 17.27
C PRO A 108 17.97 -15.92 16.62
N LYS A 109 19.00 -16.13 17.42
CA LYS A 109 20.33 -16.32 16.85
C LYS A 109 21.14 -17.30 17.66
N LEU A 110 22.18 -17.85 17.05
CA LEU A 110 23.07 -18.79 17.74
C LEU A 110 24.49 -18.29 17.66
N LYS A 111 25.19 -18.33 18.77
CA LYS A 111 26.59 -17.93 18.77
C LYS A 111 27.32 -19.09 18.08
N VAL A 112 28.60 -18.90 17.78
CA VAL A 112 29.36 -19.96 17.12
C VAL A 112 29.31 -21.24 17.93
N ASP A 113 29.36 -21.12 19.25
CA ASP A 113 29.32 -22.28 20.11
C ASP A 113 27.91 -22.82 20.36
N LEU A 114 26.95 -22.39 19.52
CA LEU A 114 25.55 -22.85 19.60
C LEU A 114 24.67 -22.24 20.72
N THR A 115 25.18 -21.23 21.42
CA THR A 115 24.44 -20.56 22.49
C THR A 115 23.30 -19.72 21.90
N LYS A 116 22.10 -19.87 22.46
CA LYS A 116 20.93 -19.12 21.97
C LYS A 116 20.83 -17.72 22.58
N TYR A 117 20.54 -16.73 21.75
CA TYR A 117 20.35 -15.36 22.24
C TYR A 117 19.44 -14.63 21.28
N LEU A 118 19.12 -13.40 21.66
CA LEU A 118 18.23 -12.55 20.88
C LEU A 118 18.88 -11.29 20.39
N GLU A 119 18.75 -11.02 19.09
CA GLU A 119 19.18 -9.74 18.66
C GLU A 119 17.91 -9.02 18.37
N ASN A 120 17.55 -8.19 19.33
CA ASN A 120 16.30 -7.45 19.26
C ASN A 120 16.52 -6.18 18.47
N GLN A 121 15.95 -6.14 17.28
CA GLN A 121 16.10 -4.99 16.41
C GLN A 121 14.89 -4.08 16.45
N ALA A 122 15.14 -2.77 16.32
CA ALA A 122 14.10 -1.76 16.38
C ALA A 122 13.94 -1.02 15.07
N PHE A 123 12.68 -0.83 14.66
CA PHE A 123 12.35 -0.09 13.46
C PHE A 123 11.27 0.94 13.86
N CYS A 124 11.30 2.11 13.23
CA CYS A 124 10.35 3.14 13.56
C CYS A 124 9.60 3.52 12.31
N PHE A 125 8.29 3.66 12.42
CA PHE A 125 7.47 4.04 11.28
C PHE A 125 6.53 5.18 11.67
N ASP A 126 5.95 5.83 10.68
CA ASP A 126 5.00 6.90 10.95
C ASP A 126 3.92 6.30 11.85
N PHE A 127 3.54 5.06 11.56
CA PHE A 127 2.55 4.34 12.37
C PHE A 127 2.85 2.85 12.33
N ALA A 128 2.90 2.25 13.51
CA ALA A 128 3.13 0.83 13.67
C ALA A 128 1.88 0.26 14.34
N PHE A 129 1.23 -0.70 13.69
CA PHE A 129 0.01 -1.35 14.19
C PHE A 129 0.26 -2.74 14.73
N ASP A 130 -0.26 -3.06 15.92
CA ASP A 130 -0.06 -4.39 16.48
C ASP A 130 -1.15 -5.36 16.07
N GLU A 131 -1.07 -6.59 16.57
CA GLU A 131 -2.02 -7.62 16.17
C GLU A 131 -3.47 -7.36 16.57
N THR A 132 -3.70 -6.37 17.43
CA THR A 132 -5.07 -6.09 17.85
C THR A 132 -5.72 -5.00 17.04
N ALA A 133 -4.96 -4.40 16.11
CA ALA A 133 -5.49 -3.33 15.27
C ALA A 133 -6.38 -3.86 14.17
N SER A 134 -7.59 -3.30 14.06
CA SER A 134 -8.54 -3.73 13.04
C SER A 134 -8.28 -2.99 11.75
N ASN A 135 -8.91 -3.43 10.67
CA ASN A 135 -8.75 -2.77 9.38
C ASN A 135 -9.18 -1.31 9.41
N GLU A 136 -10.20 -1.00 10.19
CA GLU A 136 -10.71 0.38 10.27
C GLU A 136 -9.68 1.27 10.93
N VAL A 137 -9.04 0.76 11.97
CA VAL A 137 -7.98 1.51 12.64
C VAL A 137 -6.82 1.74 11.66
N VAL A 138 -6.38 0.69 10.97
CA VAL A 138 -5.29 0.79 9.99
C VAL A 138 -5.67 1.78 8.91
N TYR A 139 -6.87 1.62 8.36
CA TYR A 139 -7.35 2.52 7.32
C TYR A 139 -7.33 3.98 7.75
N ARG A 140 -7.74 4.24 8.98
CA ARG A 140 -7.80 5.60 9.51
C ARG A 140 -6.48 6.35 9.46
N PHE A 141 -5.38 5.63 9.68
CA PHE A 141 -4.06 6.27 9.68
C PHE A 141 -3.23 6.06 8.41
N THR A 142 -3.82 5.48 7.37
CA THR A 142 -3.06 5.25 6.15
C THR A 142 -3.72 5.86 4.93
N ALA A 143 -4.76 5.22 4.42
CA ALA A 143 -5.42 5.74 3.24
C ALA A 143 -6.40 6.90 3.48
N ARG A 144 -7.05 6.92 4.65
CA ARG A 144 -8.01 7.97 4.96
C ARG A 144 -7.47 9.37 4.71
N PRO A 145 -6.26 9.67 5.20
CA PRO A 145 -5.67 11.00 5.01
C PRO A 145 -5.33 11.32 3.56
N LEU A 146 -5.51 10.36 2.65
CA LEU A 146 -5.20 10.61 1.25
C LEU A 146 -6.42 10.91 0.39
N VAL A 147 -7.59 10.58 0.90
CA VAL A 147 -8.81 10.83 0.14
C VAL A 147 -8.95 12.29 -0.22
N GLN A 148 -8.72 13.16 0.76
CA GLN A 148 -8.84 14.60 0.53
C GLN A 148 -7.94 15.06 -0.60
N THR A 149 -6.80 14.39 -0.74
CA THR A 149 -5.83 14.71 -1.78
C THR A 149 -6.44 14.64 -3.19
N ILE A 150 -7.32 13.67 -3.43
CA ILE A 150 -7.93 13.56 -4.75
C ILE A 150 -8.99 14.63 -4.96
N PHE A 151 -9.66 15.05 -3.88
CA PHE A 151 -10.67 16.10 -3.99
C PHE A 151 -9.97 17.43 -4.21
N GLU A 152 -8.73 17.54 -3.74
CA GLU A 152 -7.95 18.75 -3.94
C GLU A 152 -7.29 18.67 -5.32
N GLY A 153 -7.70 17.68 -6.11
CA GLY A 153 -7.16 17.50 -7.45
C GLY A 153 -5.82 16.81 -7.58
N GLY A 154 -5.43 16.03 -6.58
CA GLY A 154 -4.16 15.32 -6.66
C GLY A 154 -4.29 13.86 -7.03
N LYS A 155 -3.19 13.13 -6.92
CA LYS A 155 -3.16 11.71 -7.22
C LYS A 155 -2.54 11.01 -6.03
N ALA A 156 -3.30 10.08 -5.46
CA ALA A 156 -2.85 9.35 -4.29
C ALA A 156 -2.73 7.86 -4.58
N THR A 157 -1.81 7.21 -3.89
CA THR A 157 -1.59 5.78 -4.04
C THR A 157 -1.32 5.21 -2.68
N CYS A 158 -1.87 4.03 -2.43
CA CYS A 158 -1.67 3.34 -1.16
C CYS A 158 -1.26 1.90 -1.53
N PHE A 159 -0.13 1.44 -1.01
CA PHE A 159 0.36 0.11 -1.34
C PHE A 159 0.42 -0.79 -0.14
N ALA A 160 0.01 -2.03 -0.32
CA ALA A 160 0.13 -3.03 0.69
C ALA A 160 1.27 -3.90 0.27
N TYR A 161 2.31 -3.92 1.10
CA TYR A 161 3.56 -4.62 0.77
C TYR A 161 3.97 -5.61 1.86
N GLY A 162 4.54 -6.75 1.45
CA GLY A 162 4.99 -7.75 2.41
C GLY A 162 5.03 -9.16 1.88
N GLN A 163 5.37 -10.10 2.74
CA GLN A 163 5.48 -11.49 2.33
C GLN A 163 4.13 -12.17 2.11
N THR A 164 4.18 -13.30 1.40
CA THR A 164 3.01 -14.09 1.11
C THR A 164 2.35 -14.45 2.44
N GLY A 165 1.04 -14.21 2.53
CA GLY A 165 0.34 -14.53 3.77
C GLY A 165 0.48 -13.52 4.90
N SER A 166 1.02 -12.33 4.62
CA SER A 166 1.25 -11.33 5.66
C SER A 166 0.00 -10.46 6.00
N GLY A 167 -0.98 -10.47 5.11
CA GLY A 167 -2.21 -9.73 5.33
C GLY A 167 -2.52 -8.66 4.32
N LYS A 168 -1.85 -8.70 3.18
CA LYS A 168 -2.06 -7.69 2.17
C LYS A 168 -3.49 -7.63 1.62
N THR A 169 -3.98 -8.77 1.15
CA THR A 169 -5.33 -8.86 0.57
C THR A 169 -6.41 -8.63 1.64
N HIS A 170 -6.17 -9.16 2.83
CA HIS A 170 -7.09 -9.02 3.94
C HIS A 170 -7.33 -7.54 4.27
N THR A 171 -6.26 -6.76 4.21
CA THR A 171 -6.31 -5.33 4.51
C THR A 171 -6.97 -4.50 3.43
N MET A 172 -6.61 -4.74 2.18
CA MET A 172 -7.14 -3.96 1.06
C MET A 172 -8.54 -4.44 0.61
N GLY A 173 -8.72 -5.75 0.47
CA GLY A 173 -9.99 -6.21 -0.05
C GLY A 173 -11.08 -6.69 0.88
N GLY A 174 -10.73 -7.00 2.12
CA GLY A 174 -11.74 -7.50 3.01
C GLY A 174 -11.20 -8.74 3.65
N ASP A 175 -11.71 -9.03 4.83
CA ASP A 175 -11.28 -10.15 5.65
C ASP A 175 -11.41 -11.55 5.08
N LEU A 176 -10.25 -12.06 4.66
CA LEU A 176 -10.08 -13.38 4.08
C LEU A 176 -8.84 -13.32 3.18
N GLN A 181 -12.74 -11.60 1.34
CA GLN A 181 -14.13 -12.06 1.27
C GLN A 181 -15.13 -10.94 1.45
N ASN A 182 -15.13 -10.35 2.64
CA ASN A 182 -16.05 -9.27 2.94
C ASN A 182 -15.47 -7.94 2.49
N ALA A 183 -15.89 -7.50 1.30
CA ALA A 183 -15.40 -6.25 0.72
C ALA A 183 -15.54 -5.04 1.63
N SER A 184 -16.71 -4.89 2.24
CA SER A 184 -16.99 -3.76 3.12
C SER A 184 -15.96 -3.51 4.23
N LYS A 185 -15.33 -4.58 4.71
CA LYS A 185 -14.35 -4.45 5.77
C LYS A 185 -12.93 -4.13 5.32
N GLY A 186 -12.75 -3.90 4.02
CA GLY A 186 -11.42 -3.58 3.51
C GLY A 186 -11.22 -2.12 3.14
N ILE A 187 -9.96 -1.74 2.96
CA ILE A 187 -9.61 -0.36 2.61
C ILE A 187 -10.23 0.14 1.31
N TYR A 188 -10.40 -0.73 0.33
CA TYR A 188 -11.02 -0.26 -0.92
C TYR A 188 -12.40 0.31 -0.60
N ALA A 189 -13.15 -0.45 0.17
CA ALA A 189 -14.52 -0.10 0.55
C ALA A 189 -14.54 1.14 1.44
N MET A 190 -13.81 1.08 2.55
CA MET A 190 -13.74 2.19 3.47
C MET A 190 -13.37 3.49 2.80
N ALA A 191 -12.40 3.44 1.88
CA ALA A 191 -11.97 4.64 1.17
C ALA A 191 -13.08 5.18 0.30
N SER A 192 -13.84 4.26 -0.30
CA SER A 192 -14.95 4.62 -1.17
C SER A 192 -16.02 5.32 -0.33
N ARG A 193 -16.29 4.74 0.83
CA ARG A 193 -17.27 5.27 1.77
C ARG A 193 -16.99 6.73 2.09
N ASP A 194 -15.73 7.08 2.32
CA ASP A 194 -15.36 8.45 2.64
C ASP A 194 -15.34 9.35 1.42
N VAL A 195 -15.25 8.76 0.23
CA VAL A 195 -15.24 9.54 -0.99
C VAL A 195 -16.64 10.06 -1.27
N PHE A 196 -17.65 9.26 -0.95
CA PHE A 196 -19.02 9.69 -1.16
C PHE A 196 -19.44 10.71 -0.11
N LEU A 197 -18.90 10.57 1.09
CA LEU A 197 -19.20 11.49 2.18
C LEU A 197 -18.60 12.87 1.90
N LEU A 198 -17.37 12.89 1.41
CA LEU A 198 -16.70 14.16 1.10
C LEU A 198 -17.30 14.88 -0.10
N LYS A 199 -17.65 14.13 -1.14
CA LYS A 199 -18.20 14.76 -2.33
C LYS A 199 -19.50 15.49 -2.03
N ASN A 200 -20.21 15.06 -0.99
CA ASN A 200 -21.46 15.68 -0.61
C ASN A 200 -21.26 16.82 0.40
N GLN A 201 -20.01 17.16 0.68
CA GLN A 201 -19.72 18.25 1.60
C GLN A 201 -19.73 19.56 0.83
N PRO A 202 -20.21 20.64 1.45
CA PRO A 202 -20.28 21.98 0.84
C PRO A 202 -19.02 22.41 0.11
N ARG A 203 -17.86 22.19 0.73
CA ARG A 203 -16.60 22.57 0.11
C ARG A 203 -16.36 21.86 -1.22
N TYR A 204 -17.07 20.76 -1.45
CA TYR A 204 -16.89 20.00 -2.68
C TYR A 204 -18.13 19.89 -3.55
N ARG A 205 -19.32 20.07 -2.96
CA ARG A 205 -20.57 19.98 -3.71
C ARG A 205 -20.47 20.68 -5.06
N ASN A 206 -20.09 21.94 -5.03
CA ASN A 206 -19.98 22.75 -6.24
C ASN A 206 -18.96 22.26 -7.26
N LEU A 207 -18.36 21.11 -6.99
CA LEU A 207 -17.38 20.54 -7.92
C LEU A 207 -18.12 19.77 -9.01
N ASN A 208 -19.33 19.29 -8.67
CA ASN A 208 -20.14 18.53 -9.62
C ASN A 208 -19.26 17.44 -10.21
N LEU A 209 -18.82 16.54 -9.34
CA LEU A 209 -17.96 15.44 -9.74
C LEU A 209 -18.74 14.13 -9.86
N GLU A 210 -18.20 13.22 -10.66
CA GLU A 210 -18.80 11.91 -10.85
C GLU A 210 -17.74 10.92 -10.38
N VAL A 211 -18.15 9.88 -9.67
CA VAL A 211 -17.23 8.89 -9.16
C VAL A 211 -17.16 7.64 -10.02
N TYR A 212 -15.94 7.27 -10.40
CA TYR A 212 -15.70 6.08 -11.23
C TYR A 212 -14.73 5.14 -10.54
N VAL A 213 -14.88 3.86 -10.85
CA VAL A 213 -14.04 2.84 -10.24
C VAL A 213 -13.48 1.90 -11.31
N THR A 214 -12.27 1.38 -11.06
CA THR A 214 -11.63 0.42 -11.98
C THR A 214 -10.94 -0.63 -11.12
N PHE A 215 -10.77 -1.83 -11.66
CA PHE A 215 -10.11 -2.90 -10.93
C PHE A 215 -9.35 -3.75 -11.95
N PHE A 216 -8.02 -3.77 -11.84
CA PHE A 216 -7.20 -4.54 -12.78
C PHE A 216 -6.05 -5.21 -12.05
N GLU A 217 -5.46 -6.22 -12.68
CA GLU A 217 -4.32 -6.93 -12.09
C GLU A 217 -3.19 -6.98 -13.10
N ILE A 218 -1.97 -6.99 -12.58
CA ILE A 218 -0.79 -7.05 -13.43
C ILE A 218 -0.11 -8.40 -13.16
N TYR A 219 0.06 -9.17 -14.22
CA TYR A 219 0.65 -10.50 -14.14
C TYR A 219 1.63 -10.63 -15.31
N ASN A 220 2.89 -10.93 -14.99
CA ASN A 220 3.94 -11.08 -15.99
C ASN A 220 3.94 -10.01 -17.07
N GLY A 221 4.03 -8.76 -16.64
CA GLY A 221 4.06 -7.65 -17.58
C GLY A 221 2.78 -7.46 -18.37
N LYS A 222 1.73 -8.17 -17.98
CA LYS A 222 0.44 -8.07 -18.67
C LYS A 222 -0.64 -7.49 -17.77
N VAL A 223 -1.50 -6.65 -18.35
CA VAL A 223 -2.61 -6.05 -17.61
C VAL A 223 -3.92 -6.74 -17.95
N PHE A 224 -4.69 -7.10 -16.91
CA PHE A 224 -5.97 -7.77 -17.10
C PHE A 224 -7.09 -7.05 -16.38
N ASP A 225 -8.16 -6.72 -17.12
CA ASP A 225 -9.30 -6.02 -16.52
C ASP A 225 -10.14 -6.98 -15.70
N LEU A 226 -10.16 -6.79 -14.38
CA LEU A 226 -10.92 -7.65 -13.49
C LEU A 226 -12.42 -7.34 -13.50
N LEU A 227 -12.78 -6.22 -14.10
CA LEU A 227 -14.18 -5.82 -14.18
C LEU A 227 -14.71 -6.09 -15.57
N ASN A 228 -13.85 -6.65 -16.42
CA ASN A 228 -14.20 -6.98 -17.78
C ASN A 228 -13.67 -8.37 -18.10
N LYS A 229 -13.95 -9.29 -17.18
CA LYS A 229 -13.56 -10.69 -17.28
C LYS A 229 -12.12 -10.99 -17.68
N LYS A 230 -11.17 -10.55 -16.85
CA LYS A 230 -9.76 -10.81 -17.11
C LYS A 230 -9.30 -10.42 -18.50
N ALA A 231 -10.10 -9.63 -19.22
CA ALA A 231 -9.72 -9.21 -20.56
C ALA A 231 -8.31 -8.59 -20.56
N LYS A 232 -7.42 -9.13 -21.37
CA LYS A 232 -6.05 -8.63 -21.46
C LYS A 232 -6.04 -7.29 -22.17
N LEU A 233 -5.41 -6.30 -21.55
CA LEU A 233 -5.35 -4.97 -22.14
C LEU A 233 -3.97 -4.59 -22.64
N ARG A 234 -3.92 -3.59 -23.52
CA ARG A 234 -2.68 -3.09 -24.09
C ARG A 234 -2.25 -1.81 -23.39
N VAL A 235 -0.95 -1.66 -23.18
CA VAL A 235 -0.40 -0.47 -22.53
C VAL A 235 0.53 0.24 -23.51
N LEU A 236 0.20 1.49 -23.83
CA LEU A 236 0.99 2.28 -24.77
C LEU A 236 1.55 3.54 -24.11
N GLU A 237 2.64 4.04 -24.67
CA GLU A 237 3.27 5.23 -24.14
C GLU A 237 3.88 6.05 -25.26
N ASP A 238 3.27 7.19 -25.56
CA ASP A 238 3.79 8.06 -26.60
C ASP A 238 5.22 8.49 -26.30
N SER A 239 5.61 9.64 -26.86
CA SER A 239 6.94 10.23 -26.72
C SER A 239 7.01 11.27 -25.64
N ARG A 240 5.84 11.85 -25.40
CA ARG A 240 5.65 12.78 -24.35
C ARG A 240 5.74 11.96 -23.11
N GLN A 241 5.72 10.65 -23.29
CA GLN A 241 5.80 9.63 -22.19
C GLN A 241 4.50 9.42 -21.33
N GLN A 242 3.36 10.10 -21.52
CA GLN A 242 2.37 9.55 -20.59
C GLN A 242 1.89 8.16 -21.03
N VAL A 243 1.54 7.34 -20.04
CA VAL A 243 1.05 6.00 -20.35
C VAL A 243 -0.47 5.96 -20.45
N GLN A 244 -1.04 5.04 -21.22
CA GLN A 244 -2.49 4.89 -21.29
C GLN A 244 -2.74 3.41 -21.37
N VAL A 245 -3.76 2.96 -20.65
CA VAL A 245 -4.13 1.57 -20.65
C VAL A 245 -5.39 1.49 -21.48
N VAL A 246 -5.22 1.07 -22.73
CA VAL A 246 -6.32 0.96 -23.67
C VAL A 246 -7.33 -0.13 -23.29
N GLY A 247 -8.61 0.25 -23.22
CA GLY A 247 -9.66 -0.69 -22.89
C GLY A 247 -10.04 -0.88 -21.43
N LEU A 248 -9.28 -0.31 -20.50
CA LEU A 248 -9.62 -0.46 -19.09
C LEU A 248 -11.05 0.07 -18.89
N GLN A 249 -11.89 -0.73 -18.24
CA GLN A 249 -13.29 -0.34 -18.03
C GLN A 249 -13.52 0.47 -16.76
N GLU A 250 -14.07 1.67 -16.93
CA GLU A 250 -14.41 2.55 -15.82
C GLU A 250 -15.90 2.39 -15.52
N TYR A 251 -16.24 2.09 -14.27
CA TYR A 251 -17.65 1.95 -13.91
C TYR A 251 -18.14 3.06 -12.99
N LEU A 252 -19.29 3.63 -13.34
CA LEU A 252 -19.88 4.71 -12.55
C LEU A 252 -20.48 4.16 -11.28
N VAL A 253 -20.12 4.76 -10.14
CA VAL A 253 -20.66 4.34 -8.86
C VAL A 253 -21.27 5.58 -8.20
N THR A 254 -22.40 5.39 -7.52
CA THR A 254 -23.09 6.49 -6.86
C THR A 254 -23.37 6.12 -5.43
N CYS A 255 -22.93 4.93 -5.05
CA CYS A 255 -23.17 4.42 -3.72
C CYS A 255 -22.07 3.45 -3.29
N ALA A 256 -21.81 3.38 -1.99
CA ALA A 256 -20.79 2.47 -1.48
C ALA A 256 -21.16 1.03 -1.83
N ASP A 257 -22.46 0.75 -1.87
CA ASP A 257 -22.93 -0.59 -2.22
C ASP A 257 -22.54 -0.88 -3.65
N ASP A 258 -22.50 0.17 -4.48
CA ASP A 258 -22.09 -0.01 -5.87
C ASP A 258 -20.64 -0.52 -5.86
N VAL A 259 -19.77 0.26 -5.23
CA VAL A 259 -18.35 -0.06 -5.12
C VAL A 259 -18.13 -1.47 -4.59
N ILE A 260 -18.90 -1.87 -3.59
CA ILE A 260 -18.77 -3.18 -3.00
C ILE A 260 -19.13 -4.27 -4.00
N LYS A 261 -19.99 -3.94 -4.95
CA LYS A 261 -20.37 -4.91 -5.96
C LYS A 261 -19.24 -5.11 -6.96
N MET A 262 -18.52 -4.03 -7.27
CA MET A 262 -17.42 -4.12 -8.22
C MET A 262 -16.20 -4.78 -7.57
N ILE A 263 -16.03 -4.60 -6.27
CA ILE A 263 -14.92 -5.22 -5.56
C ILE A 263 -15.12 -6.74 -5.49
N ASN A 264 -16.35 -7.16 -5.17
CA ASN A 264 -16.65 -8.59 -5.10
C ASN A 264 -16.43 -9.23 -6.46
N MET A 265 -16.95 -8.58 -7.50
CA MET A 265 -16.82 -9.06 -8.86
C MET A 265 -15.36 -9.22 -9.25
N GLY A 266 -14.57 -8.16 -9.04
CA GLY A 266 -13.17 -8.19 -9.38
C GLY A 266 -12.36 -9.21 -8.59
N SER A 267 -12.59 -9.29 -7.30
CA SER A 267 -11.86 -10.24 -6.46
C SER A 267 -12.26 -11.67 -6.79
N ALA A 268 -13.46 -11.84 -7.31
CA ALA A 268 -13.95 -13.17 -7.65
C ALA A 268 -13.21 -13.75 -8.85
N CYS A 269 -12.69 -12.89 -9.72
CA CYS A 269 -11.98 -13.39 -10.89
C CYS A 269 -10.52 -12.95 -10.96
N ARG A 270 -9.87 -12.87 -9.80
CA ARG A 270 -8.47 -12.47 -9.76
C ARG A 270 -7.55 -13.68 -9.72
N THR A 271 -6.39 -13.56 -10.36
CA THR A 271 -5.41 -14.64 -10.41
C THR A 271 -4.60 -14.69 -9.11
N ASN A 280 -6.89 -17.70 -1.58
CA ASN A 280 -6.25 -16.59 -2.27
C ASN A 280 -4.75 -16.84 -2.43
N SER A 281 -4.10 -15.89 -3.08
CA SER A 281 -2.66 -15.94 -3.33
C SER A 281 -2.20 -14.82 -4.25
N SER A 282 -0.94 -14.41 -4.10
CA SER A 282 -0.43 -13.30 -4.90
C SER A 282 -0.40 -13.66 -6.39
N ARG A 283 0.80 -13.74 -6.97
CA ARG A 283 1.19 -13.99 -8.35
C ARG A 283 0.96 -12.76 -9.22
N SER A 284 -0.08 -11.99 -8.86
CA SER A 284 -0.26 -10.69 -9.49
C SER A 284 -0.14 -9.57 -8.46
N HIS A 285 -0.16 -8.39 -9.11
CA HIS A 285 -0.43 -7.06 -8.56
C HIS A 285 -1.90 -6.68 -8.68
N ALA A 286 -2.58 -6.44 -7.54
CA ALA A 286 -3.95 -5.95 -7.67
C ALA A 286 -4.02 -4.44 -7.49
N CYS A 287 -4.82 -3.81 -8.36
CA CYS A 287 -4.97 -2.36 -8.29
C CYS A 287 -6.42 -1.93 -8.56
N PHE A 288 -7.01 -1.45 -7.46
CA PHE A 288 -8.38 -0.94 -7.47
C PHE A 288 -8.27 0.58 -7.47
N GLN A 289 -8.90 1.24 -8.43
CA GLN A 289 -8.84 2.70 -8.52
C GLN A 289 -10.16 3.44 -8.31
N ILE A 290 -10.07 4.64 -7.73
CA ILE A 290 -11.24 5.49 -7.51
C ILE A 290 -10.90 6.79 -8.22
N LEU A 291 -11.63 7.07 -9.30
CA LEU A 291 -11.41 8.28 -10.07
C LEU A 291 -12.53 9.30 -9.92
N LEU A 292 -12.14 10.59 -9.93
CA LEU A 292 -13.10 11.68 -9.83
C LEU A 292 -13.07 12.46 -11.14
N ARG A 293 -14.23 12.61 -11.76
CA ARG A 293 -14.32 13.34 -13.03
C ARG A 293 -15.44 14.38 -13.00
N THR A 294 -15.24 15.47 -13.73
CA THR A 294 -16.23 16.54 -13.78
C THR A 294 -16.72 16.83 -15.19
N LYS A 295 -15.81 17.19 -16.08
CA LYS A 295 -16.19 17.54 -17.45
C LYS A 295 -15.12 17.16 -18.48
N GLY A 296 -15.10 15.89 -18.86
CA GLY A 296 -14.11 15.43 -19.82
C GLY A 296 -12.76 15.29 -19.15
N ARG A 297 -12.55 16.05 -18.08
CA ARG A 297 -11.29 16.02 -17.35
C ARG A 297 -11.29 15.16 -16.09
N LEU A 298 -10.11 14.66 -15.74
CA LEU A 298 -9.93 13.85 -14.55
C LEU A 298 -9.63 14.84 -13.44
N HIS A 299 -10.42 14.80 -12.37
CA HIS A 299 -10.17 15.73 -11.27
C HIS A 299 -9.08 15.17 -10.37
N GLY A 300 -9.31 13.97 -9.86
CA GLY A 300 -8.35 13.32 -8.98
C GLY A 300 -8.48 11.82 -9.08
N LYS A 301 -7.43 11.10 -8.67
CA LYS A 301 -7.44 9.65 -8.73
C LYS A 301 -6.71 9.02 -7.56
N PHE A 302 -7.30 7.97 -7.00
CA PHE A 302 -6.72 7.24 -5.87
C PHE A 302 -6.50 5.79 -6.32
N SER A 303 -5.25 5.33 -6.33
CA SER A 303 -4.95 3.96 -6.73
C SER A 303 -4.54 3.13 -5.55
N LEU A 304 -5.37 2.14 -5.20
CA LEU A 304 -5.11 1.28 -4.07
C LEU A 304 -4.47 -0.02 -4.61
N VAL A 305 -3.26 -0.31 -4.19
CA VAL A 305 -2.56 -1.48 -4.70
C VAL A 305 -2.27 -2.61 -3.73
N ASP A 306 -2.71 -3.81 -4.13
CA ASP A 306 -2.50 -5.03 -3.35
C ASP A 306 -1.32 -5.74 -4.06
N LEU A 307 -0.11 -5.53 -3.56
CA LEU A 307 1.08 -6.11 -4.20
C LEU A 307 1.23 -7.61 -4.04
N ALA A 308 2.04 -8.20 -4.92
CA ALA A 308 2.31 -9.63 -4.86
C ALA A 308 3.37 -9.87 -3.78
N GLY A 309 3.41 -11.08 -3.22
CA GLY A 309 4.38 -11.39 -2.19
C GLY A 309 5.78 -10.93 -2.58
N ASN A 310 6.51 -10.37 -1.63
CA ASN A 310 7.84 -9.85 -1.90
C ASN A 310 8.95 -10.88 -1.72
N GLU A 311 8.63 -12.02 -1.11
CA GLU A 311 9.61 -13.07 -0.91
C GLU A 311 9.63 -14.03 -2.10
N ARG A 324 8.85 -20.80 -13.61
CA ARG A 324 8.32 -20.05 -12.47
C ARG A 324 9.23 -18.89 -12.07
N MET A 325 10.13 -18.50 -12.94
CA MET A 325 11.04 -17.39 -12.63
C MET A 325 10.34 -16.05 -12.84
N GLU A 326 9.08 -15.96 -12.42
CA GLU A 326 8.32 -14.72 -12.54
C GLU A 326 8.68 -13.80 -11.39
N GLY A 327 9.39 -14.34 -10.40
CA GLY A 327 9.80 -13.55 -9.27
C GLY A 327 10.71 -12.43 -9.74
N ALA A 328 11.21 -12.59 -10.96
CA ALA A 328 12.11 -11.60 -11.55
C ALA A 328 11.30 -10.37 -11.93
N GLU A 329 10.09 -10.59 -12.42
CA GLU A 329 9.20 -9.49 -12.80
C GLU A 329 8.70 -8.82 -11.53
N ILE A 330 8.42 -9.63 -10.51
CA ILE A 330 7.94 -9.12 -9.23
C ILE A 330 9.02 -8.32 -8.52
N ASN A 331 10.25 -8.79 -8.58
CA ASN A 331 11.34 -8.09 -7.93
C ASN A 331 11.70 -6.80 -8.67
N LYS A 332 11.58 -6.81 -9.99
CA LYS A 332 11.91 -5.64 -10.77
C LYS A 332 10.88 -4.55 -10.52
N SER A 333 9.62 -4.96 -10.40
CA SER A 333 8.52 -4.04 -10.14
C SER A 333 8.70 -3.43 -8.75
N LEU A 334 9.05 -4.25 -7.78
CA LEU A 334 9.26 -3.76 -6.43
C LEU A 334 10.46 -2.82 -6.38
N LEU A 335 11.50 -3.13 -7.15
CA LEU A 335 12.68 -2.28 -7.18
C LEU A 335 12.28 -0.98 -7.86
N ALA A 336 11.49 -1.11 -8.92
CA ALA A 336 11.01 0.05 -9.66
C ALA A 336 10.07 0.90 -8.78
N LEU A 337 9.19 0.24 -8.05
CA LEU A 337 8.28 0.95 -7.18
C LEU A 337 9.04 1.83 -6.19
N LYS A 338 10.03 1.24 -5.52
CA LYS A 338 10.81 1.96 -4.55
C LYS A 338 11.40 3.25 -5.10
N GLU A 339 12.04 3.17 -6.26
CA GLU A 339 12.65 4.35 -6.87
C GLU A 339 11.63 5.38 -7.34
N CYS A 340 10.43 4.93 -7.71
CA CYS A 340 9.40 5.86 -8.15
C CYS A 340 8.87 6.65 -6.93
N ILE A 341 8.66 5.95 -5.83
CA ILE A 341 8.17 6.58 -4.60
C ILE A 341 9.22 7.54 -4.07
N ARG A 342 10.48 7.13 -4.09
CA ARG A 342 11.56 7.99 -3.62
C ARG A 342 11.71 9.18 -4.56
N ALA A 343 11.43 8.97 -5.83
CA ALA A 343 11.55 10.08 -6.75
C ALA A 343 10.42 11.07 -6.50
N LEU A 344 9.41 10.65 -5.75
CA LEU A 344 8.27 11.50 -5.44
C LEU A 344 8.68 12.58 -4.44
N GLY A 345 9.49 12.21 -3.47
CA GLY A 345 9.95 13.18 -2.49
C GLY A 345 11.25 13.83 -2.91
N GLN A 346 11.29 14.32 -4.14
CA GLN A 346 12.51 14.97 -4.65
C GLN A 346 12.30 15.52 -6.06
N PHE A 353 15.87 3.78 -13.32
CA PHE A 353 14.64 3.04 -13.09
C PHE A 353 14.87 1.53 -13.19
N ARG A 354 14.74 1.16 -14.47
CA ARG A 354 14.55 -0.15 -14.95
C ARG A 354 13.10 -0.37 -14.76
N GLU A 355 12.33 0.21 -15.66
CA GLU A 355 10.88 0.14 -15.65
C GLU A 355 10.23 -1.20 -15.49
N SER A 356 8.94 -1.16 -15.16
CA SER A 356 8.13 -2.36 -15.08
C SER A 356 6.71 -1.92 -15.42
N LYS A 357 5.83 -2.90 -15.60
CA LYS A 357 4.44 -2.63 -15.94
C LYS A 357 3.76 -1.80 -14.84
N LEU A 358 3.84 -2.30 -13.61
CA LEU A 358 3.24 -1.62 -12.48
C LEU A 358 3.56 -0.13 -12.42
N THR A 359 4.86 0.19 -12.47
CA THR A 359 5.30 1.58 -12.37
C THR A 359 5.04 2.39 -13.63
N GLN A 360 4.77 1.69 -14.72
CA GLN A 360 4.48 2.34 -15.98
C GLN A 360 3.04 2.81 -15.93
N VAL A 361 2.16 1.91 -15.48
CA VAL A 361 0.75 2.20 -15.37
C VAL A 361 0.44 3.26 -14.32
N LEU A 362 1.20 3.27 -13.23
CA LEU A 362 1.00 4.23 -12.16
C LEU A 362 1.94 5.44 -12.28
N ARG A 363 2.64 5.54 -13.41
CA ARG A 363 3.60 6.63 -13.66
C ARG A 363 3.06 8.03 -13.34
N ASP A 364 1.89 8.37 -13.89
CA ASP A 364 1.30 9.68 -13.66
C ASP A 364 0.97 10.00 -12.19
N SER A 365 1.02 8.98 -11.33
CA SER A 365 0.73 9.19 -9.92
C SER A 365 1.97 9.45 -9.08
N PHE A 366 3.12 9.55 -9.73
CA PHE A 366 4.37 9.82 -9.03
C PHE A 366 5.06 11.05 -9.60
N ILE A 367 4.67 11.45 -10.80
CA ILE A 367 5.27 12.59 -11.48
C ILE A 367 4.70 13.96 -11.10
N GLY A 368 3.44 14.01 -10.71
CA GLY A 368 2.84 15.30 -10.35
C GLY A 368 3.37 15.84 -9.04
N GLU A 369 3.22 17.15 -8.84
CA GLU A 369 3.67 17.78 -7.60
C GLU A 369 2.60 17.65 -6.51
N ASN A 370 1.36 17.47 -6.94
CA ASN A 370 0.24 17.30 -6.01
C ASN A 370 -0.09 15.82 -5.95
N SER A 371 0.86 15.02 -5.46
CA SER A 371 0.66 13.60 -5.35
C SER A 371 1.20 13.07 -4.02
N ARG A 372 0.44 12.18 -3.40
CA ARG A 372 0.84 11.60 -2.12
C ARG A 372 0.75 10.08 -2.17
N THR A 373 1.53 9.42 -1.33
CA THR A 373 1.52 7.98 -1.30
C THR A 373 1.67 7.46 0.11
N CYS A 374 1.15 6.27 0.36
CA CYS A 374 1.28 5.65 1.67
C CYS A 374 1.67 4.21 1.42
N MET A 375 2.63 3.72 2.19
CA MET A 375 3.09 2.35 2.04
C MET A 375 2.80 1.64 3.33
N ILE A 376 2.09 0.51 3.25
CA ILE A 376 1.82 -0.28 4.45
C ILE A 376 2.56 -1.61 4.34
N ALA A 377 3.50 -1.84 5.24
CA ALA A 377 4.28 -3.05 5.27
C ALA A 377 3.63 -4.07 6.18
N MET A 378 3.21 -5.22 5.60
CA MET A 378 2.57 -6.28 6.36
C MET A 378 3.62 -7.26 6.87
N ILE A 379 3.48 -7.73 8.10
CA ILE A 379 4.44 -8.63 8.71
C ILE A 379 3.78 -9.84 9.35
N SER A 380 4.29 -11.05 9.05
CA SER A 380 3.82 -12.22 9.67
C SER A 380 4.71 -12.41 10.84
N PRO A 381 4.15 -12.45 12.05
CA PRO A 381 4.80 -12.51 13.39
C PRO A 381 5.62 -13.81 13.70
N GLY A 382 5.46 -14.87 12.93
CA GLY A 382 6.12 -16.13 13.24
C GLY A 382 7.64 -16.19 13.17
N ILE A 383 8.25 -16.93 14.09
CA ILE A 383 9.69 -17.10 14.10
C ILE A 383 10.20 -17.63 12.75
N SER A 384 9.45 -18.54 12.14
CA SER A 384 9.84 -19.09 10.86
C SER A 384 9.86 -18.08 9.73
N SER A 385 9.21 -16.94 9.93
CA SER A 385 9.18 -15.91 8.88
C SER A 385 10.11 -14.72 9.19
N CYS A 386 10.95 -14.86 10.20
CA CYS A 386 11.85 -13.79 10.59
C CYS A 386 12.73 -13.19 9.47
N GLU A 387 13.22 -14.01 8.54
CA GLU A 387 14.06 -13.49 7.48
C GLU A 387 13.21 -12.75 6.46
N TYR A 388 11.97 -13.18 6.31
CA TYR A 388 11.09 -12.50 5.36
C TYR A 388 10.68 -11.13 5.92
N THR A 389 10.50 -11.08 7.22
CA THR A 389 10.14 -9.89 7.96
C THR A 389 11.23 -8.82 7.85
N LEU A 390 12.46 -9.20 8.18
CA LEU A 390 13.59 -8.28 8.11
C LEU A 390 13.71 -7.71 6.70
N ASN A 391 13.49 -8.56 5.69
CA ASN A 391 13.54 -8.13 4.29
C ASN A 391 12.46 -7.07 4.05
N THR A 392 11.25 -7.33 4.56
CA THR A 392 10.15 -6.37 4.38
C THR A 392 10.45 -5.05 5.08
N LEU A 393 10.91 -5.13 6.32
CA LEU A 393 11.23 -3.95 7.10
C LEU A 393 12.33 -3.09 6.50
N ARG A 394 13.40 -3.73 6.00
CA ARG A 394 14.49 -2.95 5.42
C ARG A 394 14.10 -2.30 4.13
N TYR A 395 13.20 -2.93 3.38
CA TYR A 395 12.72 -2.31 2.14
C TYR A 395 11.92 -1.05 2.55
N ALA A 396 11.13 -1.20 3.61
CA ALA A 396 10.29 -0.13 4.13
C ALA A 396 11.14 1.04 4.61
N ASP A 397 12.25 0.73 5.27
CA ASP A 397 13.16 1.76 5.77
C ASP A 397 13.65 2.63 4.65
N ARG A 398 14.01 2.02 3.55
CA ARG A 398 14.55 2.78 2.44
C ARG A 398 13.51 3.65 1.75
N VAL A 399 12.25 3.23 1.85
CA VAL A 399 11.15 3.96 1.23
C VAL A 399 10.88 5.24 2.02
N LYS A 400 10.73 5.09 3.33
CA LYS A 400 10.47 6.23 4.19
C LYS A 400 11.71 7.10 4.26
N GLU A 401 12.85 6.51 3.91
CA GLU A 401 14.13 7.19 3.93
C GLU A 401 14.08 8.46 3.07
N LEU A 402 13.10 8.53 2.17
CA LEU A 402 13.02 9.69 1.32
C LEU A 402 12.08 10.76 1.86
N SER A 403 11.75 10.65 3.13
CA SER A 403 10.86 11.64 3.72
C SER A 403 11.61 12.42 4.80
#